data_1F9K
#
_entry.id   1F9K
#
_cell.length_a   182.110
_cell.length_b   182.110
_cell.length_c   44.990
_cell.angle_alpha   90.00
_cell.angle_beta   90.00
_cell.angle_gamma   120.00
#
_symmetry.space_group_name_H-M   'H 3'
#
loop_
_entity.id
_entity.type
_entity.pdbx_description
1 polymer 'ACIDIC LECTIN'
2 branched alpha-D-mannopyranose-(1-4)-2-acetamido-2-deoxy-beta-D-glucopyranose-(1-4)-2-acetamido-2-deoxy-beta-D-glucopyranose
3 non-polymer 'methyl alpha-D-galactopyranoside'
4 non-polymer 'MANGANESE (II) ION'
5 non-polymer 'CALCIUM ION'
6 water water
#
_entity_poly.entity_id   1
_entity_poly.type   'polypeptide(L)'
_entity_poly.pdbx_seq_one_letter_code
;ETQSFNFDHFEENSKELNLQRQASIKSNGVLELTKLTKNGVPVWKSTGRALYAEPIKIWDSTTGNVASFETRFSFNITQP
YAYPEPADGLTFFMVPPNSPQGEDGGNLGVFKPPEGDNAFAVEFDTFQNTWDPQVPHIGIDVNSIVSSKTLHFQLENGGV
ANVVIKYDSPTKILNVVLAFHSVGTVYTLSNIVDLKQEFPNSEWVNVGLSATTGYQKNAVETHEIISWSFTSSLQETN
;
_entity_poly.pdbx_strand_id   A,B
#
loop_
_chem_comp.id
_chem_comp.type
_chem_comp.name
_chem_comp.formula
AMG D-saccharide 'methyl alpha-D-galactopyranoside' 'C7 H14 O6'
CA non-polymer 'CALCIUM ION' 'Ca 2'
MAN D-saccharide, alpha linking alpha-D-mannopyranose 'C6 H12 O6'
MN non-polymer 'MANGANESE (II) ION' 'Mn 2'
NAG D-saccharide, beta linking 2-acetamido-2-deoxy-beta-D-glucopyranose 'C8 H15 N O6'
#
# COMPACT_ATOMS: atom_id res chain seq x y z
N GLU A 1 -19.24 7.44 -18.05
CA GLU A 1 -19.03 6.13 -17.34
C GLU A 1 -17.61 5.88 -16.87
N THR A 2 -16.95 4.89 -17.48
CA THR A 2 -15.58 4.53 -17.11
C THR A 2 -14.58 4.98 -18.18
N GLN A 3 -13.33 5.17 -17.78
CA GLN A 3 -12.26 5.56 -18.70
C GLN A 3 -11.02 4.79 -18.31
N SER A 4 -10.43 4.06 -19.25
CA SER A 4 -9.25 3.28 -18.90
C SER A 4 -8.29 3.00 -20.04
N PHE A 5 -7.07 3.52 -19.93
CA PHE A 5 -6.06 3.25 -20.95
C PHE A 5 -5.02 2.32 -20.34
N ASN A 6 -4.31 1.58 -21.18
CA ASN A 6 -3.28 0.69 -20.69
C ASN A 6 -2.13 0.57 -21.69
N PHE A 7 -0.90 0.66 -21.19
CA PHE A 7 0.28 0.57 -22.04
C PHE A 7 1.27 -0.50 -21.57
N ASP A 8 1.03 -1.75 -21.99
CA ASP A 8 1.91 -2.86 -21.64
C ASP A 8 3.31 -2.57 -22.16
N HIS A 9 3.41 -1.58 -23.04
CA HIS A 9 4.68 -1.14 -23.65
C HIS A 9 4.37 0.17 -24.39
N PHE A 10 5.39 0.81 -24.96
CA PHE A 10 5.16 2.07 -25.69
C PHE A 10 5.54 1.99 -27.16
N GLU A 11 4.75 2.66 -27.99
CA GLU A 11 5.00 2.68 -29.43
C GLU A 11 4.86 4.08 -30.01
N GLU A 12 5.86 4.51 -30.78
CA GLU A 12 5.83 5.85 -31.36
C GLU A 12 4.55 6.14 -32.13
N ASN A 13 4.40 7.39 -32.52
CA ASN A 13 3.23 7.80 -33.26
C ASN A 13 1.95 7.65 -32.46
N SER A 14 1.74 6.46 -31.90
CA SER A 14 0.55 6.18 -31.10
C SER A 14 -0.09 7.45 -30.60
N LYS A 15 -1.00 8.01 -31.40
CA LYS A 15 -1.70 9.25 -31.08
C LYS A 15 -2.44 9.23 -29.74
N GLU A 16 -2.03 8.32 -28.85
CA GLU A 16 -2.64 8.22 -27.53
C GLU A 16 -1.75 8.92 -26.51
N LEU A 17 -0.43 8.77 -26.69
CA LEU A 17 0.53 9.39 -25.79
C LEU A 17 1.05 10.71 -26.40
N ASN A 18 0.84 11.80 -25.66
CA ASN A 18 1.24 13.14 -26.08
C ASN A 18 2.56 13.56 -25.41
N LEU A 19 3.65 13.48 -26.15
CA LEU A 19 4.98 13.81 -25.62
C LEU A 19 5.37 15.28 -25.68
N GLN A 20 6.04 15.73 -24.63
CA GLN A 20 6.49 17.12 -24.54
C GLN A 20 7.95 17.23 -24.17
N ARG A 21 8.65 18.14 -24.85
CA ARG A 21 10.07 18.36 -24.61
C ARG A 21 10.93 17.14 -24.86
N GLN A 22 11.82 16.87 -23.91
CA GLN A 22 12.75 15.75 -23.98
C GLN A 22 12.13 14.36 -23.97
N ALA A 23 10.83 14.27 -23.68
CA ALA A 23 10.18 12.98 -23.67
C ALA A 23 10.14 12.36 -25.07
N SER A 24 10.51 11.07 -25.16
CA SER A 24 10.49 10.34 -26.42
C SER A 24 10.43 8.83 -26.19
N ILE A 25 10.10 8.08 -27.23
CA ILE A 25 9.99 6.64 -27.07
C ILE A 25 11.15 5.88 -27.67
N LYS A 26 11.94 5.24 -26.81
CA LYS A 26 13.10 4.47 -27.25
C LYS A 26 12.64 3.27 -28.08
N SER A 27 13.58 2.60 -28.73
CA SER A 27 13.28 1.46 -29.58
C SER A 27 12.97 0.22 -28.77
N ASN A 28 13.16 0.33 -27.45
CA ASN A 28 12.92 -0.79 -26.55
C ASN A 28 11.45 -0.91 -26.18
N GLY A 29 10.68 0.12 -26.54
CA GLY A 29 9.26 0.14 -26.23
C GLY A 29 9.10 0.80 -24.88
N VAL A 30 10.19 1.44 -24.46
CA VAL A 30 10.30 2.15 -23.20
C VAL A 30 10.15 3.63 -23.44
N LEU A 31 9.47 4.31 -22.52
CA LEU A 31 9.26 5.75 -22.62
C LEU A 31 10.33 6.47 -21.82
N GLU A 32 11.21 7.20 -22.51
CA GLU A 32 12.29 7.93 -21.88
C GLU A 32 11.90 9.39 -21.64
N LEU A 33 11.67 9.73 -20.37
CA LEU A 33 11.24 11.08 -20.02
C LEU A 33 12.30 12.18 -20.10
N THR A 34 13.54 11.86 -19.75
CA THR A 34 14.63 12.84 -19.77
C THR A 34 15.84 12.30 -20.53
N LYS A 35 16.75 13.20 -20.89
CA LYS A 35 17.95 12.79 -21.62
C LYS A 35 19.24 13.05 -20.86
N LEU A 36 20.21 12.14 -20.99
CA LEU A 36 21.48 12.27 -20.31
C LEU A 36 22.57 12.87 -21.21
N THR A 37 22.31 12.85 -22.51
CA THR A 37 23.21 13.41 -23.53
C THR A 37 22.34 13.84 -24.72
N LYS A 38 22.78 14.85 -25.45
CA LYS A 38 21.97 15.32 -26.54
C LYS A 38 22.83 15.98 -27.59
N ASN A 39 22.97 15.32 -28.73
CA ASN A 39 23.76 15.87 -29.81
C ASN A 39 25.22 15.49 -29.72
N GLY A 40 25.54 14.57 -28.82
CA GLY A 40 26.93 14.15 -28.70
C GLY A 40 27.63 14.57 -27.42
N VAL A 41 27.13 15.62 -26.77
CA VAL A 41 27.70 16.14 -25.52
C VAL A 41 26.76 15.94 -24.32
N PRO A 42 27.31 15.87 -23.09
CA PRO A 42 26.51 15.68 -21.88
C PRO A 42 25.50 16.77 -21.71
N VAL A 43 24.41 16.47 -21.01
CA VAL A 43 23.37 17.47 -20.79
C VAL A 43 22.83 17.40 -19.38
N TRP A 44 22.12 18.47 -19.01
CA TRP A 44 21.51 18.57 -17.71
C TRP A 44 20.44 19.63 -17.86
N LYS A 45 19.55 19.72 -16.88
CA LYS A 45 18.44 20.67 -16.89
C LYS A 45 17.45 20.19 -17.93
N SER A 46 17.43 18.87 -18.13
CA SER A 46 16.51 18.25 -19.07
C SER A 46 15.12 18.11 -18.44
N THR A 47 14.08 18.18 -19.28
CA THR A 47 12.70 18.07 -18.80
C THR A 47 11.83 17.34 -19.81
N GLY A 48 10.97 16.45 -19.32
CA GLY A 48 10.10 15.69 -20.19
C GLY A 48 8.80 15.30 -19.51
N ARG A 49 7.71 15.34 -20.28
CA ARG A 49 6.40 14.98 -19.76
C ARG A 49 5.67 14.19 -20.82
N ALA A 50 4.82 13.28 -20.38
CA ALA A 50 4.04 12.45 -21.28
C ALA A 50 2.59 12.50 -20.80
N LEU A 51 1.73 13.17 -21.55
CA LEU A 51 0.34 13.25 -21.16
C LEU A 51 -0.53 12.34 -22.01
N TYR A 52 -1.57 11.81 -21.39
CA TYR A 52 -2.51 10.94 -22.09
C TYR A 52 -3.38 11.85 -22.93
N ALA A 53 -3.52 11.50 -24.21
CA ALA A 53 -4.30 12.29 -25.17
C ALA A 53 -5.66 12.75 -24.69
N GLU A 54 -6.48 11.81 -24.23
CA GLU A 54 -7.83 12.12 -23.74
C GLU A 54 -7.82 12.69 -22.33
N PRO A 55 -8.69 13.68 -22.06
CA PRO A 55 -8.76 14.27 -20.72
C PRO A 55 -9.60 13.35 -19.85
N ILE A 56 -9.31 13.28 -18.56
CA ILE A 56 -10.10 12.42 -17.68
C ILE A 56 -11.11 13.24 -16.87
N LYS A 57 -12.31 12.67 -16.70
CA LYS A 57 -13.39 13.33 -15.95
C LYS A 57 -13.27 13.04 -14.47
N ILE A 58 -12.79 14.05 -13.74
CA ILE A 58 -12.56 13.99 -12.29
C ILE A 58 -13.85 14.05 -11.48
N TRP A 59 -14.74 14.99 -11.81
CA TRP A 59 -16.02 15.11 -11.10
C TRP A 59 -17.10 15.75 -11.99
N ASP A 60 -18.36 15.43 -11.74
CA ASP A 60 -19.46 16.00 -12.54
C ASP A 60 -20.30 17.03 -11.78
N SER A 61 -20.48 18.19 -12.39
CA SER A 61 -21.26 19.27 -11.78
C SER A 61 -22.71 18.90 -11.55
N THR A 62 -23.32 18.25 -12.54
CA THR A 62 -24.71 17.86 -12.42
C THR A 62 -25.03 17.14 -11.12
N THR A 63 -24.56 15.90 -10.99
CA THR A 63 -24.81 15.12 -9.79
C THR A 63 -23.80 15.26 -8.67
N GLY A 64 -22.95 16.28 -8.75
CA GLY A 64 -21.95 16.52 -7.72
C GLY A 64 -21.11 15.35 -7.23
N ASN A 65 -20.99 14.30 -8.03
CA ASN A 65 -20.20 13.14 -7.63
C ASN A 65 -18.73 13.33 -8.01
N VAL A 66 -17.85 12.45 -7.52
CA VAL A 66 -16.42 12.51 -7.81
C VAL A 66 -15.93 11.14 -8.29
N ALA A 67 -14.89 11.13 -9.10
CA ALA A 67 -14.37 9.88 -9.65
C ALA A 67 -13.33 9.21 -8.77
N SER A 68 -13.41 7.89 -8.70
CA SER A 68 -12.45 7.08 -7.94
C SER A 68 -11.54 6.38 -8.96
N PHE A 69 -10.24 6.70 -8.94
CA PHE A 69 -9.32 6.13 -9.91
C PHE A 69 -8.16 5.32 -9.38
N GLU A 70 -7.50 4.61 -10.27
CA GLU A 70 -6.35 3.81 -9.91
C GLU A 70 -5.41 3.81 -11.09
N THR A 71 -4.13 4.11 -10.86
CA THR A 71 -3.16 4.10 -11.94
C THR A 71 -1.98 3.26 -11.50
N ARG A 72 -1.37 2.53 -12.43
CA ARG A 72 -0.22 1.68 -12.14
C ARG A 72 0.85 1.86 -13.21
N PHE A 73 2.11 1.88 -12.78
CA PHE A 73 3.21 2.00 -13.74
C PHE A 73 4.54 1.55 -13.14
N SER A 74 5.45 1.14 -14.03
CA SER A 74 6.78 0.68 -13.64
C SER A 74 7.86 1.64 -14.15
N PHE A 75 8.72 2.11 -13.25
CA PHE A 75 9.79 3.01 -13.66
C PHE A 75 11.16 2.47 -13.32
N ASN A 76 12.16 2.94 -14.07
CA ASN A 76 13.54 2.55 -13.86
C ASN A 76 14.40 3.79 -13.82
N ILE A 77 14.84 4.14 -12.62
CA ILE A 77 15.69 5.30 -12.40
C ILE A 77 17.11 4.80 -12.20
N THR A 78 18.05 5.38 -12.92
CA THR A 78 19.44 5.00 -12.74
C THR A 78 20.26 6.24 -12.45
N GLN A 79 21.11 6.13 -11.44
CA GLN A 79 21.96 7.24 -11.04
C GLN A 79 23.42 6.94 -11.31
N PRO A 80 23.94 7.42 -12.44
CA PRO A 80 25.33 7.22 -12.83
C PRO A 80 26.35 7.47 -11.72
N TYR A 81 26.26 8.61 -11.06
CA TYR A 81 27.26 8.90 -10.04
C TYR A 81 26.75 9.32 -8.69
N ALA A 82 27.67 9.50 -7.74
CA ALA A 82 27.37 9.94 -6.37
C ALA A 82 27.54 11.46 -6.30
N TYR A 83 28.80 11.94 -6.38
CA TYR A 83 29.01 13.39 -6.41
C TYR A 83 29.01 13.59 -7.92
N PRO A 84 28.33 14.65 -8.40
CA PRO A 84 27.60 15.64 -7.62
C PRO A 84 26.56 15.11 -6.65
N GLU A 85 25.38 14.77 -7.13
CA GLU A 85 24.29 14.31 -6.25
C GLU A 85 23.11 14.38 -7.19
N PRO A 86 22.60 13.21 -7.64
CA PRO A 86 21.47 13.10 -8.58
C PRO A 86 20.27 13.98 -8.31
N ALA A 87 19.58 14.33 -9.39
CA ALA A 87 18.38 15.17 -9.34
C ALA A 87 17.64 14.98 -10.66
N ASP A 88 16.35 15.31 -10.74
CA ASP A 88 15.58 15.85 -9.62
C ASP A 88 14.47 14.89 -9.20
N GLY A 89 13.96 14.10 -10.14
CA GLY A 89 12.92 13.19 -9.76
C GLY A 89 11.87 12.90 -10.81
N LEU A 90 10.86 12.16 -10.39
CA LEU A 90 9.76 11.73 -11.24
C LEU A 90 8.42 12.03 -10.56
N THR A 91 7.38 12.24 -11.35
CA THR A 91 6.07 12.56 -10.78
C THR A 91 4.90 12.19 -11.67
N PHE A 92 3.78 11.83 -11.04
CA PHE A 92 2.53 11.52 -11.73
C PHE A 92 1.71 12.75 -11.38
N PHE A 93 1.13 13.40 -12.38
CA PHE A 93 0.39 14.60 -12.08
C PHE A 93 -0.93 14.69 -12.82
N MET A 94 -1.73 15.67 -12.41
CA MET A 94 -3.02 15.93 -13.01
C MET A 94 -3.13 17.45 -13.08
N VAL A 95 -3.60 17.97 -14.20
CA VAL A 95 -3.77 19.41 -14.35
C VAL A 95 -4.89 19.72 -15.33
N PRO A 96 -5.54 20.88 -15.15
CA PRO A 96 -6.63 21.30 -16.02
C PRO A 96 -6.09 21.30 -17.43
N PRO A 97 -6.96 21.03 -18.41
CA PRO A 97 -6.59 21.01 -19.82
C PRO A 97 -6.08 22.34 -20.31
N ASN A 98 -5.06 22.30 -21.16
CA ASN A 98 -4.46 23.51 -21.70
C ASN A 98 -4.00 24.41 -20.54
N SER A 99 -3.31 23.81 -19.56
CA SER A 99 -2.79 24.55 -18.40
C SER A 99 -1.26 24.55 -18.59
N PRO A 100 -0.62 25.71 -18.37
CA PRO A 100 0.83 25.99 -18.49
C PRO A 100 1.83 25.00 -17.90
N GLN A 101 2.92 24.78 -18.62
CA GLN A 101 3.96 23.83 -18.20
C GLN A 101 4.69 24.32 -16.94
N GLY A 102 5.07 23.38 -16.07
CA GLY A 102 5.76 23.74 -14.82
C GLY A 102 7.21 24.10 -15.04
N GLU A 103 7.92 24.44 -13.96
CA GLU A 103 9.32 24.80 -14.04
C GLU A 103 10.20 23.56 -14.10
N ASP A 104 11.50 23.78 -14.34
CA ASP A 104 12.48 22.71 -14.41
C ASP A 104 12.91 22.27 -13.02
N GLY A 105 13.98 21.49 -12.97
CA GLY A 105 14.53 21.02 -11.71
C GLY A 105 13.58 20.62 -10.61
N GLY A 106 13.78 21.22 -9.44
CA GLY A 106 12.99 20.94 -8.24
C GLY A 106 11.48 20.98 -8.38
N ASN A 107 10.96 21.63 -9.41
CA ASN A 107 9.53 21.67 -9.61
C ASN A 107 9.03 20.53 -10.48
N LEU A 108 9.91 19.55 -10.66
CA LEU A 108 9.58 18.35 -11.42
C LEU A 108 8.80 18.60 -12.68
N GLY A 109 8.95 19.78 -13.24
CA GLY A 109 8.24 20.10 -14.47
C GLY A 109 6.75 20.14 -14.29
N VAL A 110 6.28 20.34 -13.07
CA VAL A 110 4.85 20.37 -12.81
C VAL A 110 4.35 21.64 -12.14
N PHE A 111 5.05 22.11 -11.11
CA PHE A 111 4.60 23.31 -10.43
C PHE A 111 5.34 24.58 -10.82
N LYS A 112 4.70 25.73 -10.62
CA LYS A 112 5.32 27.02 -10.93
C LYS A 112 5.42 27.83 -9.62
N PRO A 113 6.56 28.46 -9.36
CA PRO A 113 6.73 29.27 -8.14
C PRO A 113 5.53 30.12 -7.69
N PRO A 114 4.88 30.82 -8.60
CA PRO A 114 3.72 31.62 -8.22
C PRO A 114 2.48 30.79 -8.45
N GLU A 115 1.73 30.50 -7.38
CA GLU A 115 0.52 29.70 -7.50
C GLU A 115 -0.19 30.04 -8.80
N GLY A 116 0.16 29.30 -9.85
CA GLY A 116 -0.41 29.55 -11.16
C GLY A 116 -1.58 28.69 -11.57
N ASP A 117 -1.38 27.38 -11.63
CA ASP A 117 -2.43 26.46 -12.03
C ASP A 117 -2.67 25.36 -11.02
N ASN A 118 -3.94 25.00 -10.83
CA ASN A 118 -4.25 23.93 -9.91
C ASN A 118 -3.55 22.70 -10.45
N ALA A 119 -2.74 22.08 -9.61
CA ALA A 119 -2.04 20.88 -10.02
C ALA A 119 -1.98 19.89 -8.87
N PHE A 120 -2.01 18.62 -9.20
CA PHE A 120 -1.94 17.56 -8.22
C PHE A 120 -0.89 16.59 -8.70
N ALA A 121 0.06 16.25 -7.83
CA ALA A 121 1.11 15.34 -8.25
C ALA A 121 1.59 14.40 -7.17
N VAL A 122 2.07 13.24 -7.61
CA VAL A 122 2.63 12.24 -6.72
C VAL A 122 4.10 12.15 -7.12
N GLU A 123 4.97 12.70 -6.27
CA GLU A 123 6.37 12.71 -6.61
C GLU A 123 7.27 11.62 -6.05
N PHE A 124 8.36 11.42 -6.76
CA PHE A 124 9.39 10.50 -6.36
C PHE A 124 10.63 11.38 -6.45
N ASP A 125 10.86 12.11 -5.36
CA ASP A 125 11.95 13.08 -5.23
C ASP A 125 13.30 12.43 -4.95
N THR A 126 14.25 12.67 -5.85
CA THR A 126 15.59 12.13 -5.70
C THR A 126 16.58 13.18 -5.17
N PHE A 127 16.20 14.46 -5.26
CA PHE A 127 17.05 15.58 -4.80
C PHE A 127 16.41 16.38 -3.67
N GLN A 128 17.18 16.65 -2.62
CA GLN A 128 16.67 17.41 -1.48
C GLN A 128 16.79 18.91 -1.62
N ASN A 129 15.66 19.56 -1.91
CA ASN A 129 15.63 21.01 -2.03
C ASN A 129 15.55 21.58 -0.63
N THR A 130 15.43 22.90 -0.53
CA THR A 130 15.38 23.58 0.77
C THR A 130 14.07 23.29 1.51
N TRP A 131 13.09 22.78 0.79
CA TRP A 131 11.79 22.47 1.36
C TRP A 131 11.54 20.95 1.53
N ASP A 132 12.53 20.13 1.18
CA ASP A 132 12.41 18.67 1.24
C ASP A 132 12.99 17.99 2.46
N PRO A 133 12.47 16.79 2.78
CA PRO A 133 12.92 15.97 3.91
C PRO A 133 14.00 15.11 3.28
N GLN A 134 14.67 14.28 4.07
CA GLN A 134 15.70 13.44 3.50
C GLN A 134 15.14 12.79 2.23
N VAL A 135 15.99 12.59 1.25
CA VAL A 135 15.58 11.94 0.02
C VAL A 135 16.36 10.64 -0.09
N PRO A 136 15.93 9.75 -0.99
CA PRO A 136 14.77 9.97 -1.84
C PRO A 136 13.50 9.75 -1.03
N HIS A 137 12.39 10.32 -1.49
CA HIS A 137 11.11 10.16 -0.79
C HIS A 137 9.91 10.29 -1.69
N ILE A 138 8.82 9.68 -1.24
CA ILE A 138 7.56 9.73 -1.95
C ILE A 138 6.82 10.90 -1.35
N GLY A 139 6.17 11.69 -2.20
CA GLY A 139 5.44 12.84 -1.70
C GLY A 139 4.13 13.07 -2.41
N ILE A 140 3.10 13.40 -1.63
CA ILE A 140 1.80 13.70 -2.19
C ILE A 140 1.70 15.22 -2.25
N ASP A 141 1.85 15.77 -3.45
CA ASP A 141 1.83 17.21 -3.64
C ASP A 141 0.45 17.71 -4.09
N VAL A 142 -0.15 18.54 -3.25
CA VAL A 142 -1.47 19.07 -3.53
C VAL A 142 -1.38 20.58 -3.76
N ASN A 143 -1.16 20.98 -5.00
CA ASN A 143 -1.05 22.39 -5.35
C ASN A 143 0.18 23.02 -4.75
N SER A 144 1.28 22.27 -4.71
CA SER A 144 2.53 22.77 -4.16
C SER A 144 3.63 21.73 -4.23
N ILE A 145 4.88 22.15 -4.41
CA ILE A 145 5.95 21.17 -4.42
C ILE A 145 6.15 20.70 -2.98
N VAL A 146 5.68 21.52 -2.04
CA VAL A 146 5.82 21.18 -0.64
C VAL A 146 4.80 20.10 -0.28
N SER A 147 5.19 18.85 -0.47
CA SER A 147 4.34 17.71 -0.19
C SER A 147 3.56 17.90 1.10
N SER A 148 2.31 17.46 1.10
CA SER A 148 1.46 17.55 2.28
C SER A 148 1.86 16.39 3.19
N LYS A 149 2.47 15.37 2.61
CA LYS A 149 2.95 14.20 3.36
C LYS A 149 4.06 13.54 2.56
N THR A 150 5.07 12.99 3.25
CA THR A 150 6.17 12.32 2.55
C THR A 150 6.59 11.04 3.27
N LEU A 151 7.30 10.19 2.56
CA LEU A 151 7.77 8.94 3.12
C LEU A 151 9.12 8.59 2.48
N HIS A 152 10.12 8.34 3.30
CA HIS A 152 11.46 8.02 2.80
C HIS A 152 11.51 6.58 2.29
N PHE A 153 12.27 6.35 1.22
CA PHE A 153 12.43 4.99 0.67
C PHE A 153 13.83 4.79 0.08
N GLN A 154 14.28 3.54 0.07
CA GLN A 154 15.58 3.19 -0.49
C GLN A 154 15.31 3.01 -1.97
N LEU A 155 16.18 3.54 -2.80
CA LEU A 155 16.00 3.39 -4.24
C LEU A 155 16.88 2.25 -4.68
N GLU A 156 16.37 1.38 -5.55
CA GLU A 156 17.19 0.26 -6.05
C GLU A 156 17.73 0.77 -7.37
N ASN A 157 18.99 1.18 -7.37
CA ASN A 157 19.58 1.75 -8.56
C ASN A 157 19.50 0.90 -9.80
N GLY A 158 18.74 1.39 -10.79
CA GLY A 158 18.58 0.68 -12.03
C GLY A 158 17.63 -0.49 -11.95
N GLY A 159 17.01 -0.66 -10.77
CA GLY A 159 16.05 -1.73 -10.54
C GLY A 159 14.63 -1.29 -10.87
N VAL A 160 13.79 -2.23 -11.29
CA VAL A 160 12.41 -1.90 -11.63
C VAL A 160 11.54 -1.63 -10.43
N ALA A 161 10.79 -0.54 -10.50
CA ALA A 161 9.90 -0.15 -9.40
C ALA A 161 8.43 -0.20 -9.84
N ASN A 162 7.60 -0.80 -8.99
CA ASN A 162 6.17 -0.92 -9.26
C ASN A 162 5.43 0.07 -8.39
N VAL A 163 4.66 0.94 -9.04
CA VAL A 163 3.89 1.97 -8.37
C VAL A 163 2.40 1.74 -8.52
N VAL A 164 1.66 1.90 -7.45
CA VAL A 164 0.21 1.80 -7.50
C VAL A 164 -0.35 3.01 -6.81
N ILE A 165 -1.18 3.77 -7.51
CA ILE A 165 -1.78 4.94 -6.90
C ILE A 165 -3.28 4.73 -6.96
N LYS A 166 -3.94 4.82 -5.81
CA LYS A 166 -5.38 4.58 -5.74
C LYS A 166 -6.14 5.67 -4.98
N TYR A 167 -7.27 6.11 -5.54
CA TYR A 167 -8.12 7.13 -4.91
C TYR A 167 -9.58 6.66 -4.82
N ASP A 168 -10.15 6.70 -3.61
CA ASP A 168 -11.54 6.29 -3.41
C ASP A 168 -12.38 7.52 -3.15
N SER A 169 -13.20 7.93 -4.12
CA SER A 169 -14.06 9.10 -3.96
C SER A 169 -14.85 9.07 -2.64
N PRO A 170 -15.57 7.97 -2.36
CA PRO A 170 -16.36 7.83 -1.14
C PRO A 170 -15.66 8.17 0.18
N THR A 171 -14.39 7.83 0.31
CA THR A 171 -13.66 8.10 1.54
C THR A 171 -12.66 9.24 1.43
N LYS A 172 -12.40 9.68 0.20
CA LYS A 172 -11.44 10.76 -0.08
C LYS A 172 -10.02 10.35 0.30
N ILE A 173 -9.74 9.05 0.21
CA ILE A 173 -8.44 8.51 0.53
C ILE A 173 -7.55 8.28 -0.68
N LEU A 174 -6.37 8.93 -0.67
CA LEU A 174 -5.38 8.76 -1.73
C LEU A 174 -4.26 7.93 -1.13
N ASN A 175 -4.01 6.77 -1.72
CA ASN A 175 -2.96 5.88 -1.24
C ASN A 175 -1.98 5.59 -2.35
N VAL A 176 -0.69 5.65 -2.01
CA VAL A 176 0.39 5.39 -2.94
C VAL A 176 1.23 4.21 -2.46
N VAL A 177 1.45 3.23 -3.34
CA VAL A 177 2.27 2.10 -2.96
C VAL A 177 3.41 1.91 -3.93
N LEU A 178 4.60 1.77 -3.36
CA LEU A 178 5.83 1.59 -4.11
C LEU A 178 6.42 0.24 -3.76
N ALA A 179 6.61 -0.60 -4.77
CA ALA A 179 7.19 -1.91 -4.53
C ALA A 179 8.40 -2.22 -5.41
N PHE A 180 9.39 -2.85 -4.80
CA PHE A 180 10.60 -3.29 -5.47
C PHE A 180 10.59 -4.79 -5.18
N HIS A 181 9.97 -5.55 -6.08
CA HIS A 181 9.85 -6.98 -5.89
C HIS A 181 11.18 -7.77 -5.85
N SER A 182 12.09 -7.46 -6.76
CA SER A 182 13.38 -8.15 -6.82
C SER A 182 14.01 -8.27 -5.43
N VAL A 183 14.02 -7.16 -4.70
CA VAL A 183 14.59 -7.10 -3.36
C VAL A 183 13.51 -7.37 -2.30
N GLY A 184 12.26 -7.29 -2.74
CA GLY A 184 11.13 -7.51 -1.86
C GLY A 184 10.98 -6.43 -0.80
N THR A 185 10.66 -5.21 -1.22
CA THR A 185 10.48 -4.10 -0.29
C THR A 185 9.18 -3.39 -0.64
N VAL A 186 8.45 -2.94 0.38
CA VAL A 186 7.20 -2.24 0.14
C VAL A 186 7.07 -0.95 0.93
N TYR A 187 6.75 0.11 0.21
CA TYR A 187 6.58 1.43 0.79
C TYR A 187 5.14 1.89 0.55
N THR A 188 4.42 2.20 1.62
CA THR A 188 3.05 2.66 1.49
C THR A 188 2.80 3.98 2.23
N LEU A 189 2.16 4.91 1.54
CA LEU A 189 1.88 6.25 2.07
C LEU A 189 0.50 6.73 1.64
N SER A 190 -0.30 7.22 2.58
CA SER A 190 -1.66 7.69 2.27
C SER A 190 -2.04 8.98 2.99
N ASN A 191 -2.92 9.75 2.35
CA ASN A 191 -3.40 10.99 2.95
C ASN A 191 -4.78 11.28 2.44
N ILE A 192 -5.39 12.36 2.94
CA ILE A 192 -6.72 12.74 2.52
C ILE A 192 -6.70 13.87 1.51
N VAL A 193 -7.40 13.67 0.39
CA VAL A 193 -7.46 14.64 -0.68
C VAL A 193 -8.88 14.72 -1.23
N ASP A 194 -9.35 15.95 -1.39
CA ASP A 194 -10.68 16.22 -1.91
C ASP A 194 -10.48 16.79 -3.32
N LEU A 195 -10.59 15.93 -4.33
CA LEU A 195 -10.38 16.34 -5.72
C LEU A 195 -11.24 17.50 -6.19
N LYS A 196 -12.50 17.52 -5.76
CA LYS A 196 -13.40 18.59 -6.14
C LYS A 196 -12.87 19.93 -5.66
N GLN A 197 -12.43 19.96 -4.40
CA GLN A 197 -11.92 21.19 -3.82
C GLN A 197 -10.61 21.67 -4.42
N GLU A 198 -9.69 20.74 -4.68
CA GLU A 198 -8.39 21.08 -5.23
C GLU A 198 -8.43 21.43 -6.72
N PHE A 199 -9.50 21.01 -7.39
CA PHE A 199 -9.71 21.29 -8.80
C PHE A 199 -11.14 21.75 -8.92
N PRO A 200 -11.44 22.93 -8.36
CA PRO A 200 -12.78 23.54 -8.36
C PRO A 200 -13.26 24.11 -9.71
N ASN A 201 -12.31 24.53 -10.55
CA ASN A 201 -12.65 25.10 -11.85
C ASN A 201 -12.36 24.18 -13.03
N SER A 202 -12.41 22.87 -12.79
CA SER A 202 -12.17 21.90 -13.85
C SER A 202 -12.77 20.56 -13.51
N GLU A 203 -13.62 20.07 -14.40
CA GLU A 203 -14.26 18.78 -14.20
C GLU A 203 -13.42 17.78 -14.97
N TRP A 204 -12.50 18.31 -15.76
CA TRP A 204 -11.62 17.48 -16.54
C TRP A 204 -10.19 17.89 -16.31
N VAL A 205 -9.32 16.90 -16.35
CA VAL A 205 -7.90 17.12 -16.14
C VAL A 205 -7.10 16.22 -17.06
N ASN A 206 -5.86 16.60 -17.28
CA ASN A 206 -4.98 15.80 -18.11
C ASN A 206 -4.07 15.01 -17.19
N VAL A 207 -4.08 13.70 -17.37
CA VAL A 207 -3.28 12.79 -16.59
C VAL A 207 -1.90 12.69 -17.25
N GLY A 208 -0.84 12.53 -16.45
CA GLY A 208 0.50 12.44 -17.01
C GLY A 208 1.64 12.04 -16.09
N LEU A 209 2.80 11.86 -16.71
CA LEU A 209 4.04 11.49 -16.06
C LEU A 209 5.10 12.53 -16.43
N SER A 210 5.86 13.00 -15.45
CA SER A 210 6.89 14.02 -15.71
C SER A 210 8.19 13.73 -14.95
N ALA A 211 9.30 14.23 -15.47
CA ALA A 211 10.61 14.06 -14.83
C ALA A 211 11.61 15.13 -15.29
N THR A 212 12.60 15.41 -14.44
CA THR A 212 13.60 16.42 -14.73
C THR A 212 14.99 16.11 -14.19
N THR A 213 16.02 16.56 -14.91
CA THR A 213 17.39 16.36 -14.44
C THR A 213 17.87 17.69 -13.87
N GLY A 214 18.94 17.63 -13.07
CA GLY A 214 19.49 18.79 -12.38
C GLY A 214 19.94 20.07 -13.06
N TYR A 215 20.13 21.08 -12.22
CA TYR A 215 20.55 22.40 -12.66
C TYR A 215 22.06 22.51 -12.70
N GLN A 216 22.76 21.43 -12.42
CA GLN A 216 24.21 21.50 -12.42
C GLN A 216 24.71 20.31 -13.23
N LYS A 217 25.88 20.45 -13.84
CA LYS A 217 26.40 19.36 -14.63
C LYS A 217 26.53 18.10 -13.79
N ASN A 218 26.09 16.98 -14.37
CA ASN A 218 26.15 15.68 -13.73
C ASN A 218 25.22 15.47 -12.55
N ALA A 219 24.34 16.43 -12.29
CA ALA A 219 23.36 16.28 -11.22
C ALA A 219 22.14 15.70 -11.98
N VAL A 220 22.34 14.49 -12.49
CA VAL A 220 21.37 13.84 -13.31
C VAL A 220 21.16 12.36 -13.05
N GLU A 221 20.14 11.82 -13.67
CA GLU A 221 19.79 10.41 -13.50
C GLU A 221 18.86 10.06 -14.67
N THR A 222 18.59 8.78 -14.86
CA THR A 222 17.71 8.39 -15.95
C THR A 222 16.29 8.25 -15.44
N HIS A 223 15.31 8.51 -16.30
CA HIS A 223 13.90 8.40 -15.94
C HIS A 223 13.15 7.63 -17.02
N GLU A 224 13.07 6.31 -16.84
CA GLU A 224 12.39 5.45 -17.79
C GLU A 224 11.07 4.85 -17.27
N ILE A 225 10.05 4.88 -18.14
CA ILE A 225 8.74 4.34 -17.82
C ILE A 225 8.48 3.13 -18.71
N ILE A 226 8.44 1.96 -18.10
CA ILE A 226 8.23 0.69 -18.80
C ILE A 226 6.79 0.39 -19.23
N SER A 227 5.86 0.58 -18.31
CA SER A 227 4.44 0.31 -18.57
C SER A 227 3.59 1.28 -17.78
N TRP A 228 2.37 1.51 -18.25
CA TRP A 228 1.51 2.44 -17.55
C TRP A 228 0.04 2.22 -17.82
N SER A 229 -0.72 1.86 -16.79
CA SER A 229 -2.15 1.64 -16.92
C SER A 229 -2.88 2.59 -15.97
N PHE A 230 -4.12 2.94 -16.31
CA PHE A 230 -4.91 3.85 -15.50
C PHE A 230 -6.38 3.55 -15.73
N THR A 231 -7.20 3.88 -14.75
CA THR A 231 -8.63 3.64 -14.84
C THR A 231 -9.42 4.44 -13.82
N SER A 232 -10.36 5.25 -14.31
CA SER A 232 -11.19 6.05 -13.43
C SER A 232 -12.61 5.49 -13.46
N SER A 233 -13.33 5.71 -12.37
CA SER A 233 -14.70 5.24 -12.24
C SER A 233 -15.53 6.39 -11.65
N LEU A 234 -16.21 7.14 -12.51
CA LEU A 234 -17.00 8.26 -12.05
C LEU A 234 -18.36 7.85 -11.50
N GLU B 1 5.71 6.69 25.42
CA GLU B 1 6.38 7.06 24.14
C GLU B 1 6.12 6.09 22.98
N THR B 2 7.16 5.36 22.58
CA THR B 2 7.07 4.40 21.47
C THR B 2 7.10 2.97 21.97
N GLN B 3 6.53 2.06 21.19
CA GLN B 3 6.51 0.63 21.52
C GLN B 3 6.78 -0.16 20.26
N SER B 4 7.80 -1.00 20.25
CA SER B 4 8.10 -1.76 19.05
C SER B 4 8.79 -3.10 19.27
N PHE B 5 8.13 -4.18 18.86
CA PHE B 5 8.72 -5.49 18.98
C PHE B 5 9.02 -5.96 17.57
N ASN B 6 9.97 -6.88 17.43
CA ASN B 6 10.31 -7.41 16.11
C ASN B 6 10.75 -8.88 16.21
N PHE B 7 10.21 -9.71 15.32
CA PHE B 7 10.55 -11.14 15.31
C PHE B 7 11.04 -11.63 13.96
N ASP B 8 12.33 -11.50 13.67
CA ASP B 8 12.85 -11.95 12.37
C ASP B 8 12.65 -13.44 12.29
N HIS B 9 12.50 -14.06 13.45
CA HIS B 9 12.27 -15.50 13.58
C HIS B 9 11.68 -15.80 14.96
N PHE B 10 11.09 -16.98 15.09
CA PHE B 10 10.47 -17.34 16.36
C PHE B 10 11.30 -18.34 17.16
N GLU B 11 11.41 -18.08 18.45
CA GLU B 11 12.19 -18.90 19.35
C GLU B 11 11.26 -19.58 20.33
N GLU B 12 11.50 -20.87 20.60
CA GLU B 12 10.67 -21.63 21.53
C GLU B 12 10.81 -21.04 22.93
N ASN B 13 9.73 -21.06 23.70
CA ASN B 13 9.72 -20.54 25.06
C ASN B 13 9.96 -19.03 25.14
N SER B 14 9.72 -18.34 24.03
CA SER B 14 9.90 -16.89 23.96
C SER B 14 8.95 -16.21 24.95
N LYS B 15 9.54 -15.62 25.99
CA LYS B 15 8.77 -14.93 27.01
C LYS B 15 8.14 -13.63 26.48
N GLU B 16 7.97 -13.52 25.17
CA GLU B 16 7.38 -12.33 24.56
C GLU B 16 6.15 -12.67 23.74
N LEU B 17 5.79 -13.95 23.71
CA LEU B 17 4.64 -14.40 22.94
C LEU B 17 3.74 -15.28 23.80
N ASN B 18 2.46 -14.97 23.84
CA ASN B 18 1.55 -15.77 24.64
C ASN B 18 0.78 -16.67 23.71
N LEU B 19 1.33 -17.87 23.44
CA LEU B 19 0.66 -18.82 22.56
C LEU B 19 -0.62 -19.41 23.18
N GLN B 20 -1.66 -19.54 22.36
CA GLN B 20 -2.93 -20.07 22.83
C GLN B 20 -3.44 -21.17 21.94
N ARG B 21 -3.94 -22.24 22.56
CA ARG B 21 -4.47 -23.38 21.84
C ARG B 21 -3.44 -24.07 20.95
N GLN B 22 -3.85 -24.35 19.70
CA GLN B 22 -3.02 -25.03 18.73
C GLN B 22 -1.75 -24.29 18.29
N ALA B 23 -1.65 -23.02 18.65
CA ALA B 23 -0.47 -22.26 18.27
C ALA B 23 0.80 -22.80 18.96
N SER B 24 1.85 -22.99 18.18
CA SER B 24 3.14 -23.46 18.70
C SER B 24 4.29 -23.08 17.76
N ILE B 25 5.51 -23.16 18.26
CA ILE B 25 6.67 -22.80 17.44
C ILE B 25 7.46 -24.00 16.92
N LYS B 26 7.40 -24.19 15.60
CA LYS B 26 8.10 -25.28 14.95
C LYS B 26 9.62 -25.12 15.14
N SER B 27 10.38 -26.15 14.79
CA SER B 27 11.83 -26.11 14.94
C SER B 27 12.49 -25.28 13.83
N ASN B 28 11.70 -24.88 12.84
CA ASN B 28 12.20 -24.06 11.74
C ASN B 28 12.47 -22.64 12.24
N GLY B 29 11.69 -22.22 13.24
CA GLY B 29 11.79 -20.87 13.76
C GLY B 29 10.55 -20.18 13.24
N VAL B 30 9.64 -21.00 12.74
CA VAL B 30 8.36 -20.57 12.18
C VAL B 30 7.27 -20.77 13.22
N LEU B 31 6.31 -19.86 13.24
CA LEU B 31 5.20 -19.93 14.17
C LEU B 31 4.01 -20.59 13.47
N GLU B 32 3.62 -21.76 13.96
CA GLU B 32 2.50 -22.51 13.36
C GLU B 32 1.22 -22.26 14.14
N LEU B 33 0.31 -21.51 13.54
CA LEU B 33 -0.94 -21.16 14.20
C LEU B 33 -1.98 -22.28 14.34
N THR B 34 -2.09 -23.12 13.32
CA THR B 34 -3.05 -24.22 13.34
C THR B 34 -2.36 -25.56 13.04
N LYS B 35 -2.98 -26.65 13.47
CA LYS B 35 -2.40 -27.97 13.19
C LYS B 35 -3.27 -28.64 12.11
N LEU B 36 -2.61 -29.30 11.17
CA LEU B 36 -3.32 -29.95 10.08
C LEU B 36 -3.23 -31.46 10.23
N THR B 37 -2.37 -31.90 11.15
CA THR B 37 -2.15 -33.31 11.44
C THR B 37 -1.43 -33.46 12.77
N LYS B 38 -2.11 -33.19 13.87
CA LYS B 38 -1.50 -33.31 15.18
C LYS B 38 -1.20 -34.75 15.58
N ASN B 39 0.00 -34.96 16.13
CA ASN B 39 0.39 -36.30 16.57
C ASN B 39 0.52 -37.31 15.44
N GLY B 40 0.34 -36.85 14.21
CA GLY B 40 0.43 -37.75 13.07
C GLY B 40 -0.91 -37.94 12.39
N VAL B 41 -1.95 -38.09 13.20
CA VAL B 41 -3.32 -38.29 12.69
C VAL B 41 -3.86 -36.96 12.23
N PRO B 42 -4.61 -36.96 11.11
CA PRO B 42 -5.16 -35.69 10.62
C PRO B 42 -6.01 -35.02 11.70
N VAL B 43 -6.30 -33.73 11.53
CA VAL B 43 -7.10 -33.00 12.51
C VAL B 43 -7.85 -31.86 11.82
N TRP B 44 -9.01 -31.51 12.36
CA TRP B 44 -9.85 -30.42 11.82
C TRP B 44 -10.34 -29.52 12.96
N LYS B 45 -11.12 -28.49 12.60
CA LYS B 45 -11.66 -27.56 13.59
C LYS B 45 -10.57 -27.04 14.55
N SER B 46 -9.39 -26.76 14.00
CA SER B 46 -8.25 -26.28 14.77
C SER B 46 -8.26 -24.76 14.93
N THR B 47 -7.70 -24.28 16.05
CA THR B 47 -7.64 -22.85 16.33
C THR B 47 -6.37 -22.48 17.07
N GLY B 48 -5.76 -21.37 16.67
CA GLY B 48 -4.54 -20.92 17.32
C GLY B 48 -4.38 -19.42 17.24
N ARG B 49 -3.81 -18.85 18.29
CA ARG B 49 -3.61 -17.42 18.35
C ARG B 49 -2.28 -17.16 19.03
N ALA B 50 -1.63 -16.09 18.62
CA ALA B 50 -0.36 -15.72 19.21
C ALA B 50 -0.46 -14.24 19.59
N LEU B 51 -0.46 -13.95 20.88
CA LEU B 51 -0.53 -12.55 21.32
C LEU B 51 0.80 -12.09 21.87
N TYR B 52 1.11 -10.82 21.63
CA TYR B 52 2.33 -10.22 22.12
C TYR B 52 2.13 -10.01 23.62
N ALA B 53 3.10 -10.45 24.41
CA ALA B 53 3.08 -10.36 25.87
C ALA B 53 2.64 -9.01 26.43
N GLU B 54 3.31 -7.94 26.01
CA GLU B 54 3.00 -6.58 26.46
C GLU B 54 1.79 -5.99 25.76
N PRO B 55 0.95 -5.25 26.49
CA PRO B 55 -0.23 -4.64 25.88
C PRO B 55 0.21 -3.34 25.18
N ILE B 56 -0.45 -2.97 24.10
CA ILE B 56 -0.07 -1.76 23.40
C ILE B 56 -1.04 -0.61 23.73
N LYS B 57 -0.50 0.58 23.95
CA LYS B 57 -1.33 1.75 24.26
C LYS B 57 -1.82 2.38 22.96
N ILE B 58 -3.13 2.25 22.77
CA ILE B 58 -3.84 2.74 21.60
C ILE B 58 -4.13 4.24 21.68
N TRP B 59 -4.61 4.70 22.84
CA TRP B 59 -4.89 6.12 23.01
C TRP B 59 -4.75 6.57 24.45
N ASP B 60 -4.33 7.82 24.61
CA ASP B 60 -4.13 8.42 25.92
C ASP B 60 -5.33 9.30 26.27
N SER B 61 -6.04 8.91 27.32
CA SER B 61 -7.21 9.61 27.81
C SER B 61 -6.83 10.93 28.44
N THR B 62 -5.59 11.00 28.93
CA THR B 62 -5.10 12.20 29.58
C THR B 62 -4.68 13.29 28.57
N THR B 63 -4.41 12.90 27.32
CA THR B 63 -4.00 13.85 26.28
C THR B 63 -4.95 13.89 25.08
N GLY B 64 -5.81 12.88 24.96
CA GLY B 64 -6.76 12.82 23.86
C GLY B 64 -6.10 12.35 22.59
N ASN B 65 -4.79 12.09 22.67
CA ASN B 65 -4.03 11.64 21.52
C ASN B 65 -4.20 10.16 21.22
N VAL B 66 -4.26 9.83 19.93
CA VAL B 66 -4.40 8.44 19.51
C VAL B 66 -3.07 7.98 18.90
N ALA B 67 -2.80 6.69 18.96
CA ALA B 67 -1.55 6.15 18.44
C ALA B 67 -1.61 5.76 16.98
N SER B 68 -0.52 6.04 16.26
CA SER B 68 -0.43 5.60 14.87
C SER B 68 0.47 4.36 15.01
N PHE B 69 0.19 3.35 14.22
CA PHE B 69 1.02 2.18 14.28
C PHE B 69 1.24 1.56 12.91
N GLU B 70 2.20 0.65 12.84
CA GLU B 70 2.51 -0.06 11.62
C GLU B 70 3.01 -1.45 11.99
N THR B 71 2.41 -2.46 11.39
CA THR B 71 2.85 -3.82 11.67
C THR B 71 3.12 -4.52 10.35
N ARG B 72 4.14 -5.38 10.36
CA ARG B 72 4.53 -6.13 9.18
C ARG B 72 4.79 -7.59 9.50
N PHE B 73 4.34 -8.49 8.63
CA PHE B 73 4.58 -9.93 8.84
C PHE B 73 4.45 -10.72 7.57
N SER B 74 5.14 -11.87 7.53
CA SER B 74 5.12 -12.78 6.39
C SER B 74 4.43 -14.09 6.71
N PHE B 75 3.42 -14.46 5.93
CA PHE B 75 2.72 -15.71 6.19
C PHE B 75 2.78 -16.67 5.00
N ASN B 76 2.61 -17.96 5.30
CA ASN B 76 2.63 -19.00 4.29
C ASN B 76 1.44 -19.92 4.50
N ILE B 77 0.45 -19.76 3.63
CA ILE B 77 -0.76 -20.57 3.68
C ILE B 77 -0.62 -21.63 2.59
N THR B 78 -0.79 -22.90 2.95
CA THR B 78 -0.76 -23.98 1.96
C THR B 78 -2.09 -24.74 2.04
N GLN B 79 -2.74 -24.90 0.88
CA GLN B 79 -4.03 -25.59 0.77
C GLN B 79 -3.85 -26.96 0.08
N PRO B 80 -3.75 -28.03 0.89
CA PRO B 80 -3.58 -29.40 0.39
C PRO B 80 -4.52 -29.79 -0.73
N TYR B 81 -5.83 -29.55 -0.57
CA TYR B 81 -6.76 -29.97 -1.61
C TYR B 81 -7.75 -28.94 -2.09
N ALA B 82 -8.52 -29.33 -3.09
CA ALA B 82 -9.56 -28.48 -3.66
C ALA B 82 -10.87 -28.83 -2.94
N TYR B 83 -11.22 -30.11 -2.88
CA TYR B 83 -12.44 -30.56 -2.19
C TYR B 83 -12.11 -31.19 -0.82
N PRO B 84 -12.94 -30.97 0.20
CA PRO B 84 -14.14 -30.18 0.05
C PRO B 84 -13.87 -28.74 -0.39
N GLU B 85 -12.97 -28.09 0.33
CA GLU B 85 -12.57 -26.71 0.06
C GLU B 85 -11.91 -26.23 1.33
N PRO B 86 -10.87 -25.40 1.20
CA PRO B 86 -10.13 -24.87 2.35
C PRO B 86 -10.86 -23.82 3.18
N ALA B 87 -10.47 -23.75 4.45
CA ALA B 87 -11.04 -22.80 5.41
C ALA B 87 -10.09 -22.79 6.61
N ASP B 88 -10.15 -21.76 7.47
CA ASP B 88 -11.06 -20.64 7.32
C ASP B 88 -10.33 -19.34 7.02
N GLY B 89 -9.09 -19.22 7.51
CA GLY B 89 -8.35 -18.00 7.26
C GLY B 89 -7.39 -17.57 8.36
N LEU B 90 -6.85 -16.36 8.16
CA LEU B 90 -5.87 -15.77 9.04
C LEU B 90 -6.27 -14.33 9.35
N THR B 91 -5.89 -13.85 10.52
CA THR B 91 -6.21 -12.48 10.90
C THR B 91 -5.28 -11.84 11.91
N PHE B 92 -5.15 -10.52 11.80
CA PHE B 92 -4.34 -9.72 12.73
C PHE B 92 -5.44 -9.04 13.52
N PHE B 93 -5.36 -9.09 14.83
CA PHE B 93 -6.41 -8.47 15.63
C PHE B 93 -5.91 -7.70 16.84
N MET B 94 -6.82 -6.93 17.41
CA MET B 94 -6.56 -6.13 18.60
C MET B 94 -7.77 -6.30 19.50
N VAL B 95 -7.55 -6.49 20.79
CA VAL B 95 -8.65 -6.65 21.72
C VAL B 95 -8.23 -6.18 23.09
N PRO B 96 -9.20 -5.72 23.89
CA PRO B 96 -8.93 -5.25 25.26
C PRO B 96 -8.26 -6.39 26.01
N PRO B 97 -7.38 -6.05 26.95
CA PRO B 97 -6.67 -7.07 27.74
C PRO B 97 -7.60 -7.95 28.54
N ASN B 98 -7.25 -9.23 28.66
CA ASN B 98 -8.07 -10.18 29.41
C ASN B 98 -9.48 -10.16 28.83
N SER B 99 -9.53 -10.33 27.51
CA SER B 99 -10.80 -10.33 26.78
C SER B 99 -11.02 -11.77 26.32
N PRO B 100 -12.29 -12.22 26.35
CA PRO B 100 -12.68 -13.59 25.94
C PRO B 100 -12.30 -13.99 24.52
N GLN B 101 -11.89 -15.25 24.34
CA GLN B 101 -11.52 -15.73 23.01
C GLN B 101 -12.70 -15.64 22.04
N GLY B 102 -12.42 -15.75 20.76
CA GLY B 102 -13.49 -15.71 19.78
C GLY B 102 -13.91 -17.13 19.45
N GLU B 103 -14.91 -17.27 18.58
CA GLU B 103 -15.39 -18.60 18.20
C GLU B 103 -14.62 -19.13 17.00
N ASP B 104 -14.50 -20.45 16.93
CA ASP B 104 -13.78 -21.15 15.85
C ASP B 104 -14.30 -20.85 14.41
N GLY B 105 -13.76 -21.60 13.44
CA GLY B 105 -14.15 -21.46 12.06
C GLY B 105 -14.24 -20.04 11.51
N GLY B 106 -15.37 -19.76 10.85
CA GLY B 106 -15.62 -18.46 10.24
C GLY B 106 -15.37 -17.22 11.07
N ASN B 107 -15.26 -17.37 12.39
CA ASN B 107 -15.01 -16.22 13.25
C ASN B 107 -13.53 -16.02 13.49
N LEU B 108 -12.75 -16.66 12.64
CA LEU B 108 -11.32 -16.54 12.65
C LEU B 108 -10.71 -16.53 14.06
N GLY B 109 -11.43 -17.11 15.02
CA GLY B 109 -10.97 -17.19 16.40
C GLY B 109 -10.86 -15.83 17.06
N VAL B 110 -11.60 -14.86 16.52
CA VAL B 110 -11.55 -13.51 17.05
C VAL B 110 -12.89 -12.94 17.49
N PHE B 111 -13.93 -13.10 16.68
CA PHE B 111 -15.23 -12.57 17.04
C PHE B 111 -16.20 -13.58 17.64
N LYS B 112 -17.14 -13.09 18.44
CA LYS B 112 -18.14 -13.94 19.04
C LYS B 112 -19.46 -13.58 18.42
N PRO B 113 -20.06 -14.60 17.79
CA PRO B 113 -21.32 -14.51 17.08
C PRO B 113 -22.27 -13.49 17.68
N PRO B 114 -22.34 -13.48 19.01
CA PRO B 114 -23.21 -12.53 19.68
C PRO B 114 -22.39 -11.42 20.29
N GLU B 115 -22.12 -10.36 19.52
CA GLU B 115 -21.34 -9.23 20.00
C GLU B 115 -20.97 -9.23 21.47
N GLY B 116 -19.84 -9.83 21.82
CA GLY B 116 -19.42 -9.90 23.20
C GLY B 116 -18.42 -8.83 23.62
N ASP B 117 -17.23 -8.83 22.99
CA ASP B 117 -16.20 -7.84 23.32
C ASP B 117 -15.76 -7.03 22.11
N ASN B 118 -15.22 -5.85 22.38
CA ASN B 118 -14.75 -4.94 21.34
C ASN B 118 -13.53 -5.58 20.69
N ALA B 119 -13.53 -5.64 19.36
CA ALA B 119 -12.41 -6.24 18.65
C ALA B 119 -12.18 -5.59 17.27
N PHE B 120 -10.93 -5.58 16.84
CA PHE B 120 -10.57 -5.02 15.55
C PHE B 120 -9.67 -6.02 14.89
N ALA B 121 -9.97 -6.37 13.64
CA ALA B 121 -9.12 -7.35 12.98
C ALA B 121 -9.00 -7.12 11.49
N VAL B 122 -7.88 -7.59 10.95
CA VAL B 122 -7.61 -7.51 9.53
C VAL B 122 -7.56 -8.96 9.10
N GLU B 123 -8.55 -9.37 8.32
CA GLU B 123 -8.63 -10.75 7.91
C GLU B 123 -8.18 -11.10 6.50
N PHE B 124 -7.77 -12.36 6.39
CA PHE B 124 -7.35 -12.93 5.12
C PHE B 124 -8.21 -14.17 5.07
N ASP B 125 -9.43 -13.96 4.57
CA ASP B 125 -10.47 -14.98 4.47
C ASP B 125 -10.28 -15.94 3.30
N THR B 126 -10.16 -17.22 3.60
CA THR B 126 -9.98 -18.24 2.59
C THR B 126 -11.29 -18.98 2.30
N PHE B 127 -12.25 -18.89 3.23
CA PHE B 127 -13.55 -19.57 3.09
C PHE B 127 -14.73 -18.60 2.99
N GLN B 128 -15.62 -18.82 2.04
CA GLN B 128 -16.77 -17.95 1.87
C GLN B 128 -17.99 -18.34 2.72
N ASN B 129 -18.23 -17.60 3.80
CA ASN B 129 -19.37 -17.83 4.66
C ASN B 129 -20.57 -17.16 4.00
N THR B 130 -21.71 -17.20 4.67
CA THR B 130 -22.93 -16.61 4.13
C THR B 130 -22.87 -15.09 4.08
N TRP B 131 -21.90 -14.51 4.79
CA TRP B 131 -21.73 -13.07 4.85
C TRP B 131 -20.53 -12.54 4.05
N ASP B 132 -19.79 -13.46 3.41
CA ASP B 132 -18.58 -13.13 2.64
C ASP B 132 -18.74 -12.96 1.16
N PRO B 133 -17.84 -12.16 0.56
CA PRO B 133 -17.81 -11.89 -0.89
C PRO B 133 -16.89 -12.99 -1.46
N GLN B 134 -16.65 -12.98 -2.78
CA GLN B 134 -15.80 -13.99 -3.42
C GLN B 134 -14.45 -14.09 -2.70
N VAL B 135 -14.11 -15.30 -2.25
CA VAL B 135 -12.84 -15.48 -1.55
C VAL B 135 -11.80 -16.02 -2.51
N PRO B 136 -10.51 -15.96 -2.14
CA PRO B 136 -10.08 -15.38 -0.86
C PRO B 136 -10.12 -13.86 -0.95
N HIS B 137 -10.19 -13.19 0.20
CA HIS B 137 -10.23 -11.74 0.23
C HIS B 137 -9.69 -11.15 1.51
N ILE B 138 -9.25 -9.90 1.40
CA ILE B 138 -8.73 -9.15 2.52
C ILE B 138 -9.92 -8.40 3.07
N GLY B 139 -10.03 -8.38 4.39
CA GLY B 139 -11.14 -7.67 4.99
C GLY B 139 -10.75 -6.89 6.25
N ILE B 140 -11.30 -5.67 6.34
CA ILE B 140 -11.07 -4.83 7.51
C ILE B 140 -12.32 -5.00 8.39
N ASP B 141 -12.16 -5.78 9.46
CA ASP B 141 -13.26 -6.05 10.37
C ASP B 141 -13.22 -5.16 11.58
N VAL B 142 -14.25 -4.33 11.71
CA VAL B 142 -14.35 -3.40 12.82
C VAL B 142 -15.51 -3.80 13.74
N ASN B 143 -15.23 -4.64 14.73
CA ASN B 143 -16.25 -5.13 15.67
C ASN B 143 -17.30 -6.01 14.99
N SER B 144 -16.86 -6.85 14.05
CA SER B 144 -17.76 -7.74 13.32
C SER B 144 -17.02 -8.58 12.30
N ILE B 145 -17.49 -9.81 12.06
CA ILE B 145 -16.86 -10.68 11.06
C ILE B 145 -17.26 -10.12 9.70
N VAL B 146 -18.27 -9.28 9.68
CA VAL B 146 -18.75 -8.67 8.45
C VAL B 146 -17.89 -7.46 8.12
N SER B 147 -16.80 -7.70 7.40
CA SER B 147 -15.85 -6.64 7.00
C SER B 147 -16.58 -5.37 6.55
N SER B 148 -16.02 -4.23 6.92
CA SER B 148 -16.58 -2.94 6.54
C SER B 148 -16.16 -2.67 5.09
N LYS B 149 -15.09 -3.35 4.65
CA LYS B 149 -14.57 -3.26 3.29
C LYS B 149 -13.74 -4.49 2.98
N THR B 150 -13.82 -4.98 1.74
CA THR B 150 -13.04 -6.17 1.35
C THR B 150 -12.42 -5.98 -0.03
N LEU B 151 -11.46 -6.85 -0.34
CA LEU B 151 -10.76 -6.80 -1.61
C LEU B 151 -10.34 -8.21 -1.96
N HIS B 152 -10.71 -8.67 -3.14
CA HIS B 152 -10.37 -10.02 -3.58
C HIS B 152 -8.91 -10.11 -4.02
N PHE B 153 -8.26 -11.25 -3.76
CA PHE B 153 -6.86 -11.43 -4.16
C PHE B 153 -6.59 -12.89 -4.51
N GLN B 154 -5.62 -13.12 -5.39
CA GLN B 154 -5.26 -14.48 -5.78
C GLN B 154 -4.19 -14.99 -4.86
N LEU B 155 -4.46 -16.11 -4.19
CA LEU B 155 -3.49 -16.66 -3.25
C LEU B 155 -2.43 -17.48 -3.96
N GLU B 156 -1.17 -17.32 -3.54
CA GLU B 156 -0.10 -18.11 -4.15
C GLU B 156 0.12 -19.27 -3.21
N ASN B 157 -0.47 -20.41 -3.55
CA ASN B 157 -0.41 -21.63 -2.75
C ASN B 157 0.99 -21.99 -2.25
N GLY B 158 1.20 -21.89 -0.94
CA GLY B 158 2.49 -22.23 -0.38
C GLY B 158 3.55 -21.19 -0.62
N GLY B 159 3.16 -20.06 -1.23
CA GLY B 159 4.08 -18.98 -1.50
C GLY B 159 4.10 -17.97 -0.36
N VAL B 160 5.23 -17.30 -0.16
CA VAL B 160 5.35 -16.31 0.91
C VAL B 160 4.61 -15.02 0.61
N ALA B 161 3.85 -14.55 1.60
CA ALA B 161 3.10 -13.31 1.46
C ALA B 161 3.60 -12.25 2.44
N ASN B 162 3.81 -11.04 1.92
CA ASN B 162 4.24 -9.91 2.72
C ASN B 162 3.08 -8.98 2.97
N VAL B 163 2.78 -8.78 4.26
CA VAL B 163 1.69 -7.93 4.69
C VAL B 163 2.19 -6.70 5.40
N VAL B 164 1.59 -5.56 5.06
CA VAL B 164 1.93 -4.31 5.73
C VAL B 164 0.62 -3.66 6.15
N ILE B 165 0.49 -3.41 7.45
CA ILE B 165 -0.71 -2.74 7.94
C ILE B 165 -0.26 -1.43 8.58
N LYS B 166 -0.86 -0.33 8.13
CA LYS B 166 -0.49 0.99 8.63
C LYS B 166 -1.69 1.88 9.04
N TYR B 167 -1.57 2.51 10.20
CA TYR B 167 -2.63 3.40 10.71
C TYR B 167 -2.06 4.76 11.07
N ASP B 168 -2.64 5.82 10.50
CA ASP B 168 -2.21 7.18 10.81
C ASP B 168 -3.26 7.88 11.68
N SER B 169 -2.96 8.07 12.96
CA SER B 169 -3.90 8.72 13.87
C SER B 169 -4.43 10.04 13.29
N PRO B 170 -3.54 10.95 12.89
CA PRO B 170 -3.95 12.25 12.33
C PRO B 170 -5.01 12.22 11.25
N THR B 171 -4.99 11.22 10.36
CA THR B 171 -5.98 11.14 9.29
C THR B 171 -7.01 10.05 9.50
N LYS B 172 -6.79 9.18 10.48
CA LYS B 172 -7.69 8.07 10.78
C LYS B 172 -7.77 7.08 9.61
N ILE B 173 -6.67 6.97 8.87
CA ILE B 173 -6.59 6.05 7.74
C ILE B 173 -5.89 4.73 8.04
N LEU B 174 -6.62 3.63 7.81
CA LEU B 174 -6.07 2.31 8.00
C LEU B 174 -5.89 1.73 6.60
N ASN B 175 -4.64 1.41 6.27
CA ASN B 175 -4.29 0.86 4.99
C ASN B 175 -3.60 -0.49 5.14
N VAL B 176 -4.02 -1.44 4.31
CA VAL B 176 -3.47 -2.78 4.33
C VAL B 176 -2.87 -3.10 2.98
N VAL B 177 -1.64 -3.58 2.98
CA VAL B 177 -1.02 -3.96 1.72
C VAL B 177 -0.51 -5.39 1.77
N LEU B 178 -0.89 -6.12 0.73
CA LEU B 178 -0.52 -7.52 0.57
C LEU B 178 0.36 -7.68 -0.68
N ALA B 179 1.56 -8.21 -0.49
CA ALA B 179 2.45 -8.40 -1.62
C ALA B 179 2.98 -9.82 -1.75
N PHE B 180 3.03 -10.28 -2.98
CA PHE B 180 3.57 -11.60 -3.32
C PHE B 180 4.67 -11.22 -4.31
N HIS B 181 5.87 -11.03 -3.79
CA HIS B 181 7.00 -10.63 -4.62
C HIS B 181 7.44 -11.64 -5.68
N SER B 182 7.57 -12.91 -5.31
CA SER B 182 7.98 -13.96 -6.25
C SER B 182 7.23 -13.83 -7.59
N VAL B 183 5.93 -13.64 -7.50
CA VAL B 183 5.09 -13.51 -8.67
C VAL B 183 4.92 -12.03 -9.04
N GLY B 184 5.28 -11.16 -8.09
CA GLY B 184 5.17 -9.73 -8.29
C GLY B 184 3.73 -9.23 -8.41
N THR B 185 2.96 -9.36 -7.33
CA THR B 185 1.58 -8.90 -7.32
C THR B 185 1.36 -8.04 -6.09
N VAL B 186 0.56 -6.98 -6.24
CA VAL B 186 0.28 -6.09 -5.12
C VAL B 186 -1.22 -5.79 -4.93
N TYR B 187 -1.68 -6.02 -3.71
CA TYR B 187 -3.06 -5.79 -3.33
C TYR B 187 -3.11 -4.74 -2.24
N THR B 188 -3.81 -3.64 -2.51
CA THR B 188 -3.93 -2.57 -1.52
C THR B 188 -5.39 -2.18 -1.23
N LEU B 189 -5.72 -2.13 0.06
CA LEU B 189 -7.06 -1.80 0.54
C LEU B 189 -7.00 -0.89 1.76
N SER B 190 -7.80 0.19 1.74
CA SER B 190 -7.81 1.14 2.84
C SER B 190 -9.22 1.64 3.20
N ASN B 191 -9.41 1.97 4.47
CA ASN B 191 -10.69 2.51 4.93
C ASN B 191 -10.45 3.44 6.10
N ILE B 192 -11.52 4.06 6.59
CA ILE B 192 -11.41 4.95 7.74
C ILE B 192 -11.83 4.26 9.04
N VAL B 193 -10.97 4.40 10.03
CA VAL B 193 -11.21 3.79 11.33
C VAL B 193 -10.80 4.74 12.44
N ASP B 194 -11.68 4.88 13.42
CA ASP B 194 -11.44 5.73 14.57
C ASP B 194 -11.20 4.81 15.75
N LEU B 195 -9.94 4.52 16.05
CA LEU B 195 -9.61 3.63 17.15
C LEU B 195 -10.16 4.03 18.51
N LYS B 196 -10.12 5.31 18.83
CA LYS B 196 -10.60 5.81 20.11
C LYS B 196 -12.06 5.44 20.30
N GLN B 197 -12.83 5.49 19.22
CA GLN B 197 -14.25 5.17 19.28
C GLN B 197 -14.60 3.68 19.26
N GLU B 198 -13.89 2.90 18.45
CA GLU B 198 -14.12 1.45 18.36
C GLU B 198 -13.61 0.73 19.62
N PHE B 199 -12.76 1.41 20.36
CA PHE B 199 -12.21 0.90 21.61
C PHE B 199 -12.34 2.04 22.64
N PRO B 200 -13.58 2.37 23.01
CA PRO B 200 -13.89 3.44 23.96
C PRO B 200 -13.58 3.13 25.42
N ASN B 201 -13.64 1.84 25.79
CA ASN B 201 -13.39 1.44 27.17
C ASN B 201 -12.04 0.76 27.39
N SER B 202 -11.05 1.08 26.55
CA SER B 202 -9.73 0.50 26.69
C SER B 202 -8.69 1.40 26.03
N GLU B 203 -7.69 1.79 26.80
CA GLU B 203 -6.61 2.63 26.32
C GLU B 203 -5.51 1.67 25.92
N TRP B 204 -5.67 0.41 26.32
CA TRP B 204 -4.69 -0.62 26.02
C TRP B 204 -5.38 -1.80 25.38
N VAL B 205 -4.65 -2.44 24.47
CA VAL B 205 -5.15 -3.59 23.75
C VAL B 205 -4.04 -4.58 23.55
N ASN B 206 -4.42 -5.83 23.29
CA ASN B 206 -3.46 -6.87 23.05
C ASN B 206 -3.42 -7.12 21.57
N VAL B 207 -2.24 -7.01 21.00
CA VAL B 207 -2.01 -7.20 19.58
C VAL B 207 -1.79 -8.68 19.33
N GLY B 208 -2.26 -9.19 18.19
CA GLY B 208 -2.06 -10.60 17.91
C GLY B 208 -2.38 -11.12 16.52
N LEU B 209 -2.05 -12.39 16.32
CA LEU B 209 -2.29 -13.10 15.08
C LEU B 209 -3.12 -14.34 15.38
N SER B 210 -4.13 -14.61 14.56
CA SER B 210 -5.00 -15.75 14.78
C SER B 210 -5.36 -16.46 13.49
N ALA B 211 -5.67 -17.75 13.58
CA ALA B 211 -6.05 -18.55 12.42
C ALA B 211 -6.87 -19.80 12.83
N THR B 212 -7.70 -20.30 11.90
CA THR B 212 -8.56 -21.45 12.17
C THR B 212 -8.79 -22.33 10.96
N THR B 213 -8.93 -23.64 11.20
CA THR B 213 -9.22 -24.57 10.11
C THR B 213 -10.71 -24.90 10.17
N GLY B 214 -11.24 -25.43 9.08
CA GLY B 214 -12.66 -25.75 8.98
C GLY B 214 -13.38 -26.74 9.89
N TYR B 215 -14.69 -26.88 9.66
CA TYR B 215 -15.49 -27.79 10.45
C TYR B 215 -15.46 -29.19 9.79
N GLN B 216 -15.89 -29.27 8.54
CA GLN B 216 -15.87 -30.55 7.84
C GLN B 216 -14.44 -31.12 7.89
N LYS B 217 -14.31 -32.43 7.70
CA LYS B 217 -12.99 -33.03 7.73
C LYS B 217 -12.29 -32.68 6.44
N ASN B 218 -10.97 -32.54 6.49
CA ASN B 218 -10.20 -32.19 5.30
C ASN B 218 -10.55 -30.82 4.71
N ALA B 219 -11.04 -29.93 5.56
CA ALA B 219 -11.39 -28.58 5.15
C ALA B 219 -10.33 -27.73 5.84
N VAL B 220 -9.10 -28.23 5.76
CA VAL B 220 -7.96 -27.59 6.39
C VAL B 220 -6.91 -27.01 5.43
N GLU B 221 -6.20 -25.99 5.91
CA GLU B 221 -5.09 -25.35 5.19
C GLU B 221 -4.05 -25.05 6.27
N THR B 222 -2.82 -24.73 5.87
CA THR B 222 -1.80 -24.43 6.85
C THR B 222 -1.73 -22.94 7.09
N HIS B 223 -1.34 -22.57 8.32
CA HIS B 223 -1.22 -21.16 8.64
C HIS B 223 0.09 -20.92 9.37
N GLU B 224 1.11 -20.54 8.59
CA GLU B 224 2.44 -20.29 9.13
C GLU B 224 2.88 -18.83 9.09
N ILE B 225 3.48 -18.38 10.19
CA ILE B 225 3.96 -17.00 10.32
C ILE B 225 5.47 -17.02 10.44
N ILE B 226 6.15 -16.53 9.41
CA ILE B 226 7.60 -16.49 9.33
C ILE B 226 8.28 -15.40 10.15
N SER B 227 7.78 -14.18 10.01
CA SER B 227 8.33 -13.04 10.73
C SER B 227 7.22 -12.05 11.09
N TRP B 228 7.44 -11.27 12.14
CA TRP B 228 6.45 -10.31 12.57
C TRP B 228 7.00 -9.13 13.36
N SER B 229 6.89 -7.94 12.77
CA SER B 229 7.36 -6.73 13.45
C SER B 229 6.18 -5.77 13.62
N PHE B 230 6.26 -4.93 14.63
CA PHE B 230 5.20 -3.99 14.90
C PHE B 230 5.79 -2.77 15.61
N THR B 231 5.12 -1.64 15.47
CA THR B 231 5.58 -0.41 16.09
C THR B 231 4.48 0.65 16.17
N SER B 232 4.20 1.11 17.39
CA SER B 232 3.19 2.14 17.58
C SER B 232 3.91 3.42 18.03
N SER B 233 3.33 4.56 17.72
CA SER B 233 3.90 5.85 18.12
C SER B 233 2.72 6.68 18.61
N LEU B 234 2.60 6.78 19.92
CA LEU B 234 1.53 7.51 20.56
C LEU B 234 1.78 9.01 20.60
C1 NAG C . 17.49 1.08 -16.14
C2 NAG C . 17.57 -0.30 -16.82
C3 NAG C . 19.00 -0.58 -17.24
C4 NAG C . 19.43 0.54 -18.17
C5 NAG C . 19.27 1.91 -17.49
C6 NAG C . 19.54 3.03 -18.46
C7 NAG C . 16.21 -2.25 -16.42
C8 NAG C . 15.77 -3.33 -15.45
N2 NAG C . 17.08 -1.36 -15.96
O3 NAG C . 19.07 -1.84 -17.90
O4 NAG C . 20.78 0.34 -18.54
O5 NAG C . 17.90 2.10 -17.05
O6 NAG C . 18.50 3.12 -19.41
O7 NAG C . 15.76 -2.22 -17.58
C1 NAG C . 22.01 0.58 -19.10
C2 NAG C . 23.32 1.32 -18.84
C3 NAG C . 24.16 1.39 -20.13
C4 NAG C . 24.34 0.00 -20.75
C5 NAG C . 22.96 -0.68 -20.91
C6 NAG C . 23.07 -2.12 -21.41
C7 NAG C . 23.39 3.01 -17.10
C8 NAG C . 23.07 4.43 -16.67
N2 NAG C . 23.04 2.66 -18.34
O3 NAG C . 25.44 1.93 -19.84
O4 NAG C . 24.96 0.12 -22.02
O5 NAG C . 22.27 -0.73 -19.63
O6 NAG C . 21.92 -2.49 -22.16
O7 NAG C . 23.95 2.24 -16.31
C1 MAN C . 25.26 0.02 -23.37
C2 MAN C . 25.03 0.10 -24.89
C3 MAN C . 25.23 -1.28 -25.54
C4 MAN C . 26.57 -1.88 -25.13
C5 MAN C . 26.74 -1.86 -23.61
C6 MAN C . 28.11 -2.36 -23.16
O2 MAN C . 25.91 1.05 -25.46
O3 MAN C . 25.18 -1.13 -26.95
O4 MAN C . 26.66 -3.22 -25.60
O5 MAN C . 26.57 -0.52 -23.10
O6 MAN C . 28.28 -2.16 -21.77
C1 NAG D . 5.56 -22.80 3.76
C2 NAG D . 6.98 -23.31 3.43
C3 NAG D . 6.89 -24.55 2.52
C4 NAG D . 6.07 -25.62 3.27
C5 NAG D . 4.67 -25.04 3.55
C6 NAG D . 3.74 -26.00 4.27
C7 NAG D . 8.63 -21.57 3.55
C8 NAG D . 9.43 -20.48 2.86
N2 NAG D . 7.77 -22.26 2.81
O3 NAG D . 8.18 -25.03 2.22
O4 NAG D . 5.99 -26.83 2.54
O5 NAG D . 4.79 -23.85 4.38
O6 NAG D . 4.33 -26.51 5.45
O7 NAG D . 8.81 -21.77 4.76
C1 NAG D . 5.78 -28.18 2.79
C2 NAG D . 4.88 -29.31 2.28
C3 NAG D . 5.09 -30.56 3.11
C4 NAG D . 6.54 -30.97 3.08
C5 NAG D . 7.37 -29.79 3.60
C6 NAG D . 8.85 -30.09 3.59
C7 NAG D . 2.73 -29.10 1.21
C8 NAG D . 1.26 -28.70 1.31
N2 NAG D . 3.48 -28.94 2.31
O3 NAG D . 4.30 -31.62 2.60
O4 NAG D . 6.75 -32.13 3.86
O5 NAG D . 7.15 -28.62 2.79
O6 NAG D . 9.49 -29.51 4.71
O7 NAG D . 3.18 -29.53 0.15
C1 MAN D . 6.95 -33.43 4.33
C2 MAN D . 6.35 -34.30 5.42
C3 MAN D . 7.21 -34.23 6.71
C4 MAN D . 8.69 -34.55 6.38
C5 MAN D . 9.18 -33.71 5.19
C6 MAN D . 10.56 -34.11 4.71
O2 MAN D . 6.25 -35.65 4.98
O3 MAN D . 6.72 -35.15 7.67
O4 MAN D . 9.50 -34.28 7.52
O5 MAN D . 8.29 -33.87 4.04
O6 MAN D . 10.90 -33.47 3.50
C1 AMG E . 19.37 23.48 -7.91
C2 AMG E . 17.90 23.19 -8.26
C3 AMG E . 17.49 21.84 -7.65
C4 AMG E . 18.48 20.71 -8.09
C5 AMG E . 19.93 21.13 -7.87
C6 AMG E . 20.85 20.18 -8.60
C7 AMG E . 20.86 23.85 -6.08
O1 AMG E . 19.51 23.65 -6.53
O2 AMG E . 17.05 24.25 -7.81
O3 AMG E . 16.16 21.50 -8.06
O4 AMG E . 18.29 20.37 -9.45
O5 AMG E . 20.18 22.44 -8.42
O6 AMG E . 22.15 20.18 -8.03
MN MN F . 10.07 16.43 -2.10
CA CA G . 13.40 17.99 -4.57
MN MN H . -14.65 -12.34 4.94
CA CA I . -15.16 -16.64 5.97
#